data_6KNL
#
_entry.id   6KNL
#
_cell.length_a   119.464
_cell.length_b   119.464
_cell.length_c   108.374
_cell.angle_alpha   90.000
_cell.angle_beta   90.000
_cell.angle_gamma   90.000
#
_symmetry.space_group_name_H-M   'P 41 21 2'
#
loop_
_entity.id
_entity.type
_entity.pdbx_description
1 polymer 'UTP--glucose-1-phosphate uridylyltransferase'
2 non-polymer URIDINE
3 non-polymer TRIPHOSPHATE
4 non-polymer 'SULFATE ION'
5 non-polymer 1,2-ETHANEDIOL
6 water water
#
_entity_poly.entity_id   1
_entity_poly.type   'polypeptide(L)'
_entity_poly.pdbx_seq_one_letter_code
;MIKKAVLPVAGLGTRFLPASKSIPKEMVTVVDRPAIEYVVREAVEAGIEQIILVTHSSKASIENYFDRNFELETTLEQKK
KFDLLAEITQIVPEHVSVISVRQPQPLGLGHAVLCAKSVVGEDDFAVLLPDVLVKDGSGQNDLSRMISRYNSSQAAQIMV
EAVPDHLVDQYGIVDVAQSPNEGESIAMQGIVEKPPVGAAPSNLSVVGRYVLPAKIMQLLENTPKGAGNEIQLTDAIAML
QDTDTVEAYRMQGQTFDCGSKLGYLKAVLHYGLEHPKLGMEFKQLILELK
;
_entity_poly.pdbx_strand_id   A,B
#
loop_
_chem_comp.id
_chem_comp.type
_chem_comp.name
_chem_comp.formula
3PO non-polymer TRIPHOSPHATE 'H5 O10 P3'
EDO non-polymer 1,2-ETHANEDIOL 'C2 H6 O2'
SO4 non-polymer 'SULFATE ION' 'O4 S -2'
URI non-polymer URIDINE 'C9 H12 N2 O6'
#
# COMPACT_ATOMS: atom_id res chain seq x y z
N MET A 1 -24.08 -16.93 18.62
CA MET A 1 -25.18 -17.18 17.63
C MET A 1 -24.70 -16.87 16.19
N ILE A 2 -24.08 -15.70 15.92
CA ILE A 2 -23.44 -15.37 14.59
C ILE A 2 -21.91 -15.44 14.71
N LYS A 3 -21.28 -16.46 14.10
CA LYS A 3 -19.84 -16.74 14.31
C LYS A 3 -19.02 -16.77 13.01
N LYS A 4 -19.67 -16.73 11.84
CA LYS A 4 -18.98 -16.79 10.51
C LYS A 4 -19.25 -15.50 9.73
N ALA A 5 -18.23 -14.96 9.06
CA ALA A 5 -18.36 -13.83 8.11
C ALA A 5 -17.70 -14.23 6.78
N VAL A 6 -18.37 -13.92 5.67
CA VAL A 6 -17.84 -14.14 4.29
C VAL A 6 -17.29 -12.80 3.80
N LEU A 7 -15.98 -12.71 3.51
CA LEU A 7 -15.42 -11.51 2.82
C LEU A 7 -15.15 -11.93 1.38
N PRO A 8 -15.89 -11.37 0.41
CA PRO A 8 -15.61 -11.61 -1.00
C PRO A 8 -14.47 -10.69 -1.47
N VAL A 9 -13.33 -11.29 -1.80
CA VAL A 9 -12.05 -10.58 -2.07
C VAL A 9 -11.45 -11.05 -3.41
N ALA A 10 -12.26 -11.64 -4.28
CA ALA A 10 -11.89 -12.33 -5.54
C ALA A 10 -11.82 -11.36 -6.71
N GLY A 11 -12.42 -10.17 -6.56
CA GLY A 11 -12.47 -9.16 -7.62
C GLY A 11 -11.11 -8.51 -7.79
N LEU A 12 -10.79 -8.06 -9.01
CA LEU A 12 -9.44 -7.58 -9.42
C LEU A 12 -9.26 -6.11 -9.05
N GLY A 13 -10.36 -5.40 -8.77
CA GLY A 13 -10.32 -3.98 -8.36
C GLY A 13 -9.69 -3.10 -9.43
N THR A 14 -10.40 -2.91 -10.53
CA THR A 14 -9.96 -2.01 -11.63
C THR A 14 -10.07 -0.56 -11.19
N ARG A 15 -10.87 -0.26 -10.17
CA ARG A 15 -11.12 1.15 -9.73
C ARG A 15 -9.90 1.76 -9.04
N PHE A 16 -9.01 0.97 -8.41
CA PHE A 16 -7.81 1.51 -7.73
C PHE A 16 -6.53 0.98 -8.38
N LEU A 17 -6.42 1.27 -9.67
CA LEU A 17 -5.19 1.06 -10.49
C LEU A 17 -4.48 2.40 -10.53
N PRO A 18 -3.14 2.46 -10.68
CA PRO A 18 -2.30 1.26 -10.81
C PRO A 18 -1.89 0.63 -9.48
N ALA A 19 -2.27 1.27 -8.35
CA ALA A 19 -1.93 0.82 -6.99
C ALA A 19 -2.12 -0.69 -6.85
N SER A 20 -3.18 -1.24 -7.44
CA SER A 20 -3.55 -2.68 -7.32
C SER A 20 -3.19 -3.43 -8.60
N LYS A 21 -2.26 -2.92 -9.40
CA LYS A 21 -1.87 -3.69 -10.60
C LYS A 21 -1.35 -5.04 -10.12
N SER A 22 -0.38 -5.05 -9.21
CA SER A 22 0.46 -6.24 -8.89
C SER A 22 0.38 -6.69 -7.43
N ILE A 23 -0.45 -6.06 -6.59
CA ILE A 23 -0.83 -6.56 -5.23
C ILE A 23 -2.34 -6.43 -5.14
N PRO A 24 -3.04 -7.20 -4.28
CA PRO A 24 -4.49 -7.04 -4.15
C PRO A 24 -4.90 -5.67 -3.61
N LYS A 25 -6.03 -5.14 -4.08
CA LYS A 25 -6.58 -3.84 -3.61
C LYS A 25 -6.71 -3.87 -2.08
N GLU A 26 -6.92 -5.07 -1.52
CA GLU A 26 -7.23 -5.30 -0.08
C GLU A 26 -5.97 -5.09 0.74
N MET A 27 -4.80 -5.12 0.10
CA MET A 27 -3.49 -4.94 0.77
C MET A 27 -2.98 -3.51 0.58
N VAL A 28 -3.79 -2.61 0.03
CA VAL A 28 -3.43 -1.16 -0.05
C VAL A 28 -3.16 -0.63 1.36
N THR A 29 -1.97 -0.04 1.56
CA THR A 29 -1.58 0.62 2.83
C THR A 29 -2.59 1.71 3.16
N VAL A 30 -3.15 1.65 4.38
CA VAL A 30 -3.97 2.72 5.01
C VAL A 30 -3.26 3.15 6.29
N VAL A 31 -2.48 4.24 6.24
CA VAL A 31 -1.58 4.70 7.35
C VAL A 31 -0.35 3.78 7.45
N ASP A 32 -0.52 2.55 7.97
CA ASP A 32 0.63 1.69 8.36
C ASP A 32 0.29 0.20 8.21
N ARG A 33 -0.87 -0.13 7.64
CA ARG A 33 -1.31 -1.54 7.46
C ARG A 33 -2.31 -1.65 6.32
N PRO A 34 -2.46 -2.88 5.75
CA PRO A 34 -3.43 -3.11 4.69
C PRO A 34 -4.89 -2.86 5.11
N ALA A 35 -5.69 -2.40 4.15
CA ALA A 35 -7.14 -2.12 4.31
C ALA A 35 -7.81 -3.31 4.98
N ILE A 36 -7.50 -4.54 4.54
CA ILE A 36 -8.18 -5.78 4.98
C ILE A 36 -8.05 -5.89 6.52
N GLU A 37 -6.95 -5.44 7.11
CA GLU A 37 -6.78 -5.62 8.57
C GLU A 37 -7.92 -4.91 9.31
N TYR A 38 -8.40 -3.77 8.82
CA TYR A 38 -9.39 -2.92 9.51
C TYR A 38 -10.77 -3.59 9.49
N VAL A 39 -11.03 -4.32 8.39
CA VAL A 39 -12.30 -5.05 8.13
C VAL A 39 -12.29 -6.34 8.96
N VAL A 40 -11.13 -6.99 9.06
CA VAL A 40 -11.07 -8.28 9.79
C VAL A 40 -11.22 -7.95 11.27
N ARG A 41 -10.54 -6.91 11.74
CA ARG A 41 -10.60 -6.42 13.13
C ARG A 41 -12.06 -6.09 13.47
N GLU A 42 -12.74 -5.31 12.64
CA GLU A 42 -14.18 -5.00 12.76
C GLU A 42 -14.97 -6.30 13.00
N ALA A 43 -14.82 -7.31 12.13
CA ALA A 43 -15.53 -8.61 12.25
C ALA A 43 -15.25 -9.21 13.65
N VAL A 44 -13.96 -9.38 13.96
CA VAL A 44 -13.47 -10.00 15.22
C VAL A 44 -14.14 -9.33 16.44
N GLU A 45 -14.21 -8.01 16.47
CA GLU A 45 -14.73 -7.22 17.63
C GLU A 45 -16.26 -7.36 17.73
N ALA A 46 -16.91 -7.82 16.65
CA ALA A 46 -18.36 -8.08 16.60
C ALA A 46 -18.65 -9.53 16.94
N GLY A 47 -17.63 -10.25 17.40
CA GLY A 47 -17.71 -11.63 17.90
C GLY A 47 -17.55 -12.68 16.80
N ILE A 48 -17.04 -12.33 15.62
CA ILE A 48 -16.83 -13.32 14.51
C ILE A 48 -15.61 -14.17 14.86
N GLU A 49 -15.69 -15.48 14.63
CA GLU A 49 -14.61 -16.47 14.94
C GLU A 49 -14.08 -17.14 13.68
N GLN A 50 -14.84 -17.16 12.58
CA GLN A 50 -14.40 -17.81 11.32
C GLN A 50 -14.45 -16.79 10.18
N ILE A 51 -13.28 -16.32 9.72
CA ILE A 51 -13.18 -15.40 8.54
C ILE A 51 -13.12 -16.26 7.29
N ILE A 52 -14.09 -16.12 6.40
CA ILE A 52 -14.14 -16.90 5.13
C ILE A 52 -13.82 -15.95 3.96
N LEU A 53 -12.58 -16.02 3.49
CA LEU A 53 -12.11 -15.29 2.29
C LEU A 53 -12.59 -16.08 1.07
N VAL A 54 -13.47 -15.48 0.26
CA VAL A 54 -13.73 -15.98 -1.11
C VAL A 54 -12.72 -15.24 -1.98
N THR A 55 -11.73 -15.93 -2.54
CA THR A 55 -10.55 -15.22 -3.08
C THR A 55 -10.24 -15.67 -4.51
N HIS A 56 -9.16 -15.09 -5.05
CA HIS A 56 -8.64 -15.24 -6.42
C HIS A 56 -7.17 -15.69 -6.32
N SER A 57 -6.68 -16.38 -7.36
CA SER A 57 -5.33 -16.99 -7.45
C SER A 57 -4.21 -15.95 -7.32
N SER A 58 -4.50 -14.65 -7.40
CA SER A 58 -3.49 -13.57 -7.29
C SER A 58 -3.44 -12.98 -5.88
N LYS A 59 -4.15 -13.57 -4.90
CA LYS A 59 -4.46 -12.86 -3.63
C LYS A 59 -3.88 -13.60 -2.41
N ALA A 60 -2.82 -14.39 -2.63
CA ALA A 60 -2.01 -15.09 -1.61
C ALA A 60 -1.60 -14.12 -0.49
N SER A 61 -1.17 -12.92 -0.83
CA SER A 61 -0.67 -11.92 0.16
C SER A 61 -1.74 -11.64 1.24
N ILE A 62 -3.02 -11.66 0.91
CA ILE A 62 -4.10 -11.50 1.94
C ILE A 62 -3.99 -12.65 2.93
N GLU A 63 -3.97 -13.90 2.43
CA GLU A 63 -3.90 -15.12 3.27
C GLU A 63 -2.61 -15.12 4.08
N ASN A 64 -1.48 -14.71 3.46
CA ASN A 64 -0.13 -14.67 4.08
C ASN A 64 -0.11 -13.67 5.25
N TYR A 65 -0.97 -12.65 5.20
CA TYR A 65 -1.02 -11.57 6.21
C TYR A 65 -1.57 -12.07 7.56
N PHE A 66 -2.42 -13.11 7.55
CA PHE A 66 -3.07 -13.66 8.78
C PHE A 66 -2.35 -14.95 9.20
N ASP A 67 -1.28 -15.31 8.48
CA ASP A 67 -0.40 -16.48 8.75
C ASP A 67 0.97 -16.00 9.24
N ARG A 68 1.74 -16.95 9.77
CA ARG A 68 3.13 -16.75 10.24
C ARG A 68 4.06 -16.68 9.03
N ASN A 69 5.17 -16.00 9.23
CA ASN A 69 6.23 -15.77 8.21
C ASN A 69 7.57 -16.08 8.90
N PHE A 70 8.14 -17.25 8.61
CA PHE A 70 9.35 -17.76 9.31
C PHE A 70 10.50 -16.78 9.10
N GLU A 71 10.88 -16.51 7.84
CA GLU A 71 12.01 -15.59 7.51
C GLU A 71 11.77 -14.22 8.16
N LEU A 72 10.55 -13.71 8.16
CA LEU A 72 10.28 -12.38 8.75
C LEU A 72 10.47 -12.44 10.26
N GLU A 73 9.95 -13.48 10.91
CA GLU A 73 9.95 -13.61 12.37
C GLU A 73 11.39 -13.76 12.84
N THR A 74 12.19 -14.58 12.16
CA THR A 74 13.56 -14.87 12.65
C THR A 74 14.41 -13.60 12.45
N THR A 75 14.20 -12.78 11.43
CA THR A 75 15.01 -11.53 11.31
C THR A 75 14.57 -10.53 12.38
N LEU A 76 13.35 -10.63 12.92
CA LEU A 76 12.89 -9.72 14.01
C LEU A 76 13.54 -10.14 15.34
N GLU A 77 13.68 -11.46 15.58
CA GLU A 77 14.38 -11.98 16.79
C GLU A 77 15.85 -11.55 16.71
N GLN A 78 16.51 -11.78 15.57
CA GLN A 78 17.93 -11.39 15.32
C GLN A 78 18.15 -9.89 15.57
N LYS A 79 17.12 -9.05 15.50
CA LYS A 79 17.23 -7.57 15.68
C LYS A 79 16.60 -7.13 17.00
N LYS A 80 16.12 -8.10 17.78
CA LYS A 80 15.60 -7.88 19.16
C LYS A 80 14.34 -7.00 19.14
N LYS A 81 13.59 -6.96 18.03
CA LYS A 81 12.39 -6.07 17.91
C LYS A 81 11.18 -6.74 18.58
N PHE A 82 11.38 -7.39 19.74
CA PHE A 82 10.44 -8.33 20.39
C PHE A 82 9.00 -7.80 20.42
N ASP A 83 8.79 -6.49 20.60
CA ASP A 83 7.43 -5.89 20.64
C ASP A 83 6.75 -6.08 19.28
N LEU A 84 7.49 -5.79 18.19
CA LEU A 84 7.02 -5.89 16.78
C LEU A 84 6.69 -7.35 16.46
N LEU A 85 7.61 -8.24 16.80
CA LEU A 85 7.43 -9.70 16.61
C LEU A 85 6.13 -10.17 17.26
N ALA A 86 5.81 -9.64 18.45
CA ALA A 86 4.58 -10.01 19.20
C ALA A 86 3.37 -9.43 18.47
N GLU A 87 3.52 -8.24 17.86
CA GLU A 87 2.45 -7.52 17.10
C GLU A 87 2.14 -8.27 15.79
N ILE A 88 3.15 -8.76 15.05
CA ILE A 88 2.95 -9.43 13.73
C ILE A 88 2.61 -10.93 13.92
N THR A 89 2.86 -11.47 15.11
CA THR A 89 2.56 -12.88 15.50
C THR A 89 1.08 -13.05 15.84
N GLN A 90 0.47 -12.07 16.50
CA GLN A 90 -0.89 -12.17 17.12
C GLN A 90 -1.85 -11.22 16.41
N ILE A 91 -1.66 -11.02 15.10
CA ILE A 91 -2.52 -10.09 14.29
C ILE A 91 -3.97 -10.42 14.53
N VAL A 92 -4.22 -11.72 14.72
CA VAL A 92 -5.59 -12.17 15.03
C VAL A 92 -5.54 -13.14 16.19
N PRO A 93 -6.56 -13.08 17.06
CA PRO A 93 -6.65 -13.94 18.22
C PRO A 93 -6.65 -15.43 17.91
N GLU A 94 -6.25 -16.19 18.92
CA GLU A 94 -6.04 -17.65 18.83
C GLU A 94 -7.30 -18.34 18.34
N HIS A 95 -8.46 -17.95 18.86
CA HIS A 95 -9.76 -18.59 18.54
C HIS A 95 -10.28 -18.19 17.16
N VAL A 96 -9.69 -17.19 16.51
CA VAL A 96 -10.16 -16.72 15.17
C VAL A 96 -9.40 -17.51 14.09
N SER A 97 -10.13 -18.23 13.24
CA SER A 97 -9.56 -18.96 12.08
C SER A 97 -9.86 -18.19 10.79
N VAL A 98 -8.91 -18.22 9.85
CA VAL A 98 -9.05 -17.65 8.48
C VAL A 98 -9.10 -18.79 7.47
N ILE A 99 -10.28 -19.03 6.91
CA ILE A 99 -10.54 -20.04 5.85
C ILE A 99 -10.54 -19.34 4.51
N SER A 100 -10.23 -20.09 3.47
CA SER A 100 -10.05 -19.61 2.08
C SER A 100 -10.81 -20.54 1.14
N VAL A 101 -11.56 -19.98 0.18
CA VAL A 101 -12.12 -20.73 -0.97
C VAL A 101 -11.99 -19.88 -2.23
N ARG A 102 -11.87 -20.53 -3.39
CA ARG A 102 -11.68 -19.88 -4.71
C ARG A 102 -13.04 -19.57 -5.35
N GLN A 103 -13.20 -18.37 -5.91
CA GLN A 103 -14.23 -18.06 -6.93
C GLN A 103 -13.64 -18.35 -8.31
N PRO A 104 -14.12 -19.42 -8.99
CA PRO A 104 -13.60 -19.84 -10.29
C PRO A 104 -13.44 -18.69 -11.30
N GLN A 105 -14.55 -18.01 -11.60
CA GLN A 105 -14.65 -16.82 -12.50
C GLN A 105 -15.33 -15.70 -11.72
N PRO A 106 -15.19 -14.41 -12.13
CA PRO A 106 -15.83 -13.30 -11.43
C PRO A 106 -17.24 -12.99 -11.98
N LEU A 107 -18.25 -13.62 -11.40
CA LEU A 107 -19.66 -13.61 -11.86
C LEU A 107 -20.56 -12.91 -10.84
N GLY A 108 -20.05 -11.96 -10.06
CA GLY A 108 -20.88 -11.13 -9.16
C GLY A 108 -20.75 -11.46 -7.68
N LEU A 109 -21.03 -10.45 -6.84
CA LEU A 109 -21.12 -10.53 -5.35
C LEU A 109 -21.99 -11.73 -4.95
N GLY A 110 -23.13 -11.92 -5.60
CA GLY A 110 -24.03 -13.06 -5.34
C GLY A 110 -23.28 -14.38 -5.50
N HIS A 111 -22.51 -14.51 -6.57
CA HIS A 111 -21.82 -15.78 -6.97
C HIS A 111 -20.67 -16.02 -5.99
N ALA A 112 -20.01 -14.94 -5.55
CA ALA A 112 -18.91 -15.00 -4.58
C ALA A 112 -19.47 -15.56 -3.26
N VAL A 113 -20.54 -14.99 -2.70
CA VAL A 113 -21.20 -15.51 -1.48
C VAL A 113 -21.52 -17.00 -1.70
N LEU A 114 -22.01 -17.37 -2.87
CA LEU A 114 -22.44 -18.76 -3.14
C LEU A 114 -21.23 -19.71 -3.02
N CYS A 115 -20.04 -19.23 -3.39
CA CYS A 115 -18.77 -20.04 -3.36
C CYS A 115 -18.44 -20.50 -1.93
N ALA A 116 -18.94 -19.80 -0.91
CA ALA A 116 -18.78 -20.11 0.52
C ALA A 116 -19.89 -21.03 1.04
N LYS A 117 -20.81 -21.49 0.20
CA LYS A 117 -21.95 -22.34 0.65
C LYS A 117 -21.45 -23.47 1.56
N SER A 118 -20.45 -24.23 1.10
CA SER A 118 -19.92 -25.45 1.79
C SER A 118 -19.31 -25.11 3.16
N VAL A 119 -18.77 -23.92 3.37
CA VAL A 119 -18.12 -23.53 4.67
C VAL A 119 -19.17 -22.92 5.59
N VAL A 120 -20.14 -22.20 5.05
CA VAL A 120 -21.22 -21.57 5.86
C VAL A 120 -22.11 -22.68 6.46
N GLY A 121 -22.36 -23.75 5.71
CA GLY A 121 -23.24 -24.86 6.11
C GLY A 121 -24.64 -24.36 6.44
N GLU A 122 -25.23 -24.88 7.51
CA GLU A 122 -26.59 -24.48 7.99
C GLU A 122 -26.48 -23.23 8.86
N ASP A 123 -25.28 -22.64 9.01
CA ASP A 123 -25.05 -21.51 9.95
C ASP A 123 -25.56 -20.22 9.32
N ASP A 124 -26.01 -19.29 10.15
CA ASP A 124 -26.37 -17.91 9.73
C ASP A 124 -25.05 -17.15 9.74
N PHE A 125 -24.89 -16.09 8.96
CA PHE A 125 -23.55 -15.50 8.68
C PHE A 125 -23.65 -14.04 8.26
N ALA A 126 -22.58 -13.30 8.52
CA ALA A 126 -22.39 -11.90 8.07
C ALA A 126 -21.69 -11.93 6.71
N VAL A 127 -21.88 -10.88 5.92
CA VAL A 127 -21.03 -10.54 4.73
C VAL A 127 -20.46 -9.15 4.98
N LEU A 128 -19.15 -8.99 4.83
CA LEU A 128 -18.52 -7.64 4.88
C LEU A 128 -17.76 -7.44 3.57
N LEU A 129 -18.16 -6.45 2.77
CA LEU A 129 -17.43 -6.07 1.54
C LEU A 129 -16.18 -5.30 1.96
N PRO A 130 -14.99 -5.85 1.70
CA PRO A 130 -13.77 -5.31 2.28
C PRO A 130 -13.26 -3.99 1.66
N ASP A 131 -13.76 -3.59 0.49
CA ASP A 131 -13.35 -2.29 -0.11
C ASP A 131 -13.90 -1.16 0.79
N VAL A 132 -14.99 -1.40 1.53
CA VAL A 132 -15.59 -0.40 2.48
C VAL A 132 -14.97 -0.56 3.87
N LEU A 133 -14.47 0.55 4.45
CA LEU A 133 -14.02 0.65 5.86
C LEU A 133 -15.12 1.33 6.70
N VAL A 134 -15.28 0.89 7.95
CA VAL A 134 -16.30 1.42 8.91
C VAL A 134 -15.59 1.90 10.18
N LYS A 135 -15.73 3.18 10.53
CA LYS A 135 -15.12 3.80 11.74
C LYS A 135 -16.23 4.09 12.75
N ASP A 136 -16.00 3.75 14.02
CA ASP A 136 -17.00 3.91 15.12
C ASP A 136 -16.61 5.13 15.97
N GLY A 137 -17.13 5.21 17.22
CA GLY A 137 -16.75 6.19 18.25
C GLY A 137 -16.89 5.60 19.65
N SER A 138 -18.10 5.18 20.00
CA SER A 138 -18.44 4.51 21.30
C SER A 138 -18.00 3.04 21.27
N GLY A 139 -18.12 2.33 22.40
CA GLY A 139 -17.94 0.87 22.47
C GLY A 139 -19.03 0.14 21.69
N GLN A 140 -18.72 -1.06 21.20
CA GLN A 140 -19.64 -1.91 20.38
C GLN A 140 -19.88 -1.23 19.02
N ASN A 141 -19.32 -1.81 17.95
CA ASN A 141 -19.33 -1.25 16.58
C ASN A 141 -20.70 -1.54 15.92
N ASP A 142 -20.93 -0.93 14.75
CA ASP A 142 -22.18 -1.06 13.94
C ASP A 142 -22.47 -2.52 13.62
N LEU A 143 -21.45 -3.34 13.32
CA LEU A 143 -21.66 -4.76 12.95
C LEU A 143 -22.14 -5.55 14.19
N SER A 144 -21.58 -5.29 15.38
CA SER A 144 -22.03 -5.91 16.66
C SER A 144 -23.53 -5.67 16.86
N ARG A 145 -23.96 -4.41 16.73
CA ARG A 145 -25.36 -4.01 17.02
C ARG A 145 -26.28 -4.72 16.04
N MET A 146 -25.95 -4.61 14.75
CA MET A 146 -26.68 -5.27 13.64
C MET A 146 -26.79 -6.78 13.91
N ILE A 147 -25.70 -7.45 14.23
CA ILE A 147 -25.70 -8.92 14.52
C ILE A 147 -26.68 -9.19 15.67
N SER A 148 -26.58 -8.46 16.79
CA SER A 148 -27.48 -8.70 17.96
C SER A 148 -28.93 -8.38 17.59
N ARG A 149 -29.15 -7.46 16.65
CA ARG A 149 -30.50 -7.20 16.09
C ARG A 149 -30.96 -8.42 15.27
N TYR A 150 -30.10 -9.05 14.45
CA TYR A 150 -30.46 -10.28 13.68
C TYR A 150 -30.85 -11.35 14.69
N ASN A 151 -30.12 -11.42 15.80
CA ASN A 151 -30.33 -12.45 16.86
C ASN A 151 -31.70 -12.19 17.53
N SER A 152 -32.02 -10.93 17.85
CA SER A 152 -33.31 -10.49 18.44
C SER A 152 -34.48 -10.89 17.53
N SER A 153 -34.55 -10.31 16.33
CA SER A 153 -35.68 -10.37 15.38
C SER A 153 -35.72 -11.69 14.61
N GLN A 154 -34.55 -12.21 14.23
CA GLN A 154 -34.36 -13.34 13.26
C GLN A 154 -34.76 -12.81 11.87
N ALA A 155 -34.61 -11.50 11.66
CA ALA A 155 -34.80 -10.77 10.39
C ALA A 155 -33.45 -10.42 9.77
N ALA A 156 -33.22 -10.82 8.51
CA ALA A 156 -32.03 -10.42 7.72
C ALA A 156 -31.79 -8.91 7.94
N GLN A 157 -30.51 -8.53 8.08
CA GLN A 157 -30.08 -7.14 8.35
C GLN A 157 -29.23 -6.65 7.17
N ILE A 158 -29.48 -5.41 6.75
CA ILE A 158 -28.73 -4.76 5.63
C ILE A 158 -28.29 -3.39 6.11
N MET A 159 -26.99 -3.23 6.32
CA MET A 159 -26.45 -1.96 6.87
C MET A 159 -26.64 -0.86 5.83
N VAL A 160 -27.10 0.30 6.29
CA VAL A 160 -27.40 1.48 5.43
C VAL A 160 -26.90 2.75 6.11
N GLU A 161 -26.71 3.79 5.30
CA GLU A 161 -26.07 5.07 5.68
C GLU A 161 -26.84 6.19 4.99
N ALA A 162 -27.29 7.19 5.74
CA ALA A 162 -27.98 8.37 5.18
C ALA A 162 -26.98 9.09 4.26
N VAL A 163 -27.39 9.44 3.04
CA VAL A 163 -26.57 10.25 2.09
C VAL A 163 -27.35 11.52 1.71
N PRO A 164 -26.64 12.59 1.27
CA PRO A 164 -27.31 13.82 0.83
C PRO A 164 -28.28 13.62 -0.36
N ASP A 165 -29.38 14.38 -0.36
CA ASP A 165 -30.54 14.20 -1.29
C ASP A 165 -30.10 14.35 -2.75
N HIS A 166 -29.05 15.16 -3.00
CA HIS A 166 -28.52 15.46 -4.36
C HIS A 166 -27.58 14.37 -4.89
N LEU A 167 -27.35 13.27 -4.15
CA LEU A 167 -26.32 12.24 -4.47
C LEU A 167 -26.90 10.83 -4.63
N VAL A 168 -28.18 10.59 -4.37
CA VAL A 168 -28.74 9.21 -4.18
C VAL A 168 -28.60 8.37 -5.47
N ASP A 169 -28.22 8.97 -6.62
CA ASP A 169 -28.08 8.25 -7.92
C ASP A 169 -26.71 7.56 -8.01
N GLN A 170 -25.90 7.63 -6.95
CA GLN A 170 -24.56 7.00 -6.87
C GLN A 170 -24.64 5.67 -6.10
N TYR A 171 -25.77 5.43 -5.43
CA TYR A 171 -25.89 4.36 -4.41
C TYR A 171 -27.06 3.44 -4.76
N GLY A 172 -27.03 2.21 -4.24
CA GLY A 172 -28.24 1.41 -3.99
C GLY A 172 -28.92 1.98 -2.76
N ILE A 173 -30.16 2.44 -2.87
CA ILE A 173 -30.90 2.99 -1.69
C ILE A 173 -32.11 2.09 -1.45
N VAL A 174 -32.42 1.88 -0.18
CA VAL A 174 -33.47 0.94 0.29
C VAL A 174 -34.82 1.62 0.21
N ASP A 175 -35.87 0.84 -0.10
CA ASP A 175 -37.31 1.23 0.05
C ASP A 175 -37.73 0.94 1.49
N VAL A 176 -37.84 1.97 2.32
CA VAL A 176 -38.44 1.89 3.68
C VAL A 176 -39.55 2.95 3.76
N ALA A 177 -40.61 2.67 4.52
CA ALA A 177 -41.73 3.61 4.79
C ALA A 177 -41.18 4.88 5.44
N GLN A 178 -40.64 4.72 6.63
CA GLN A 178 -39.91 5.76 7.40
C GLN A 178 -38.42 5.38 7.41
N SER A 179 -37.56 6.32 7.80
CA SER A 179 -36.13 6.12 8.09
C SER A 179 -35.97 5.80 9.58
N PRO A 180 -35.21 4.75 9.97
CA PRO A 180 -34.97 4.50 11.40
C PRO A 180 -34.07 5.53 12.09
N ASN A 181 -33.91 5.44 13.41
CA ASN A 181 -32.87 6.19 14.16
C ASN A 181 -31.53 5.46 13.99
N GLU A 182 -30.44 6.24 14.02
CA GLU A 182 -29.06 5.72 14.07
C GLU A 182 -28.99 4.63 15.15
N GLY A 183 -28.44 3.46 14.80
CA GLY A 183 -28.32 2.30 15.70
C GLY A 183 -29.56 1.43 15.66
N GLU A 184 -30.52 1.70 14.77
CA GLU A 184 -31.82 0.96 14.76
C GLU A 184 -32.19 0.44 13.36
N SER A 185 -33.12 -0.52 13.34
CA SER A 185 -33.59 -1.25 12.13
C SER A 185 -35.05 -0.90 11.83
N ILE A 186 -35.46 -1.05 10.57
CA ILE A 186 -36.86 -0.99 10.07
C ILE A 186 -37.01 -2.07 9.02
N ALA A 187 -38.22 -2.58 8.82
CA ALA A 187 -38.54 -3.44 7.67
C ALA A 187 -38.24 -2.67 6.39
N MET A 188 -37.61 -3.31 5.42
CA MET A 188 -37.39 -2.72 4.08
C MET A 188 -38.00 -3.66 3.03
N GLN A 189 -38.37 -3.10 1.87
CA GLN A 189 -39.23 -3.75 0.86
C GLN A 189 -38.55 -3.69 -0.52
N GLY A 190 -37.23 -3.85 -0.57
CA GLY A 190 -36.45 -3.85 -1.83
C GLY A 190 -35.36 -2.80 -1.79
N ILE A 191 -34.37 -2.90 -2.68
CA ILE A 191 -33.34 -1.84 -2.85
C ILE A 191 -33.36 -1.45 -4.32
N VAL A 192 -33.22 -0.16 -4.63
CA VAL A 192 -33.15 0.35 -6.04
C VAL A 192 -31.72 0.80 -6.32
N GLU A 193 -31.11 0.27 -7.39
CA GLU A 193 -29.77 0.71 -7.89
C GLU A 193 -29.87 2.15 -8.43
N LYS A 194 -29.00 3.03 -7.92
CA LYS A 194 -28.75 4.39 -8.48
C LYS A 194 -30.05 5.05 -8.91
N PRO A 195 -31.04 5.28 -8.00
CA PRO A 195 -32.31 5.86 -8.41
C PRO A 195 -32.09 7.32 -8.80
N PRO A 196 -32.88 7.88 -9.76
CA PRO A 196 -32.72 9.28 -10.15
C PRO A 196 -33.14 10.27 -9.05
N VAL A 197 -32.32 11.32 -8.88
CA VAL A 197 -32.48 12.42 -7.87
C VAL A 197 -33.94 12.92 -7.89
N GLY A 198 -34.57 12.97 -6.72
CA GLY A 198 -35.96 13.41 -6.51
C GLY A 198 -36.97 12.27 -6.58
N ALA A 199 -36.53 11.04 -6.92
CA ALA A 199 -37.42 9.86 -7.12
C ALA A 199 -36.97 8.64 -6.30
N ALA A 200 -35.95 8.79 -5.43
CA ALA A 200 -35.46 7.71 -4.53
C ALA A 200 -36.42 7.56 -3.35
N PRO A 201 -36.70 6.32 -2.89
CA PRO A 201 -37.64 6.08 -1.79
C PRO A 201 -37.09 6.32 -0.38
N SER A 202 -35.80 6.68 -0.25
CA SER A 202 -35.15 7.07 1.03
C SER A 202 -33.82 7.73 0.69
N ASN A 203 -33.10 8.21 1.71
CA ASN A 203 -31.71 8.75 1.55
C ASN A 203 -30.72 7.72 2.10
N LEU A 204 -31.17 6.49 2.37
CA LEU A 204 -30.40 5.44 3.08
C LEU A 204 -29.70 4.53 2.05
N SER A 205 -28.39 4.69 1.91
CA SER A 205 -27.53 3.90 0.97
C SER A 205 -27.21 2.52 1.57
N VAL A 206 -27.17 1.51 0.73
CA VAL A 206 -26.61 0.17 1.08
C VAL A 206 -25.10 0.35 1.18
N VAL A 207 -24.49 -0.22 2.22
CA VAL A 207 -23.10 0.10 2.64
C VAL A 207 -22.16 -1.03 2.21
N GLY A 208 -22.62 -2.28 2.30
CA GLY A 208 -21.77 -3.47 2.13
C GLY A 208 -21.46 -4.16 3.45
N ARG A 209 -22.46 -4.27 4.31
CA ARG A 209 -22.43 -5.08 5.56
C ARG A 209 -23.78 -5.80 5.65
N TYR A 210 -23.78 -7.12 5.68
CA TYR A 210 -25.04 -7.90 5.72
C TYR A 210 -24.95 -8.90 6.87
N VAL A 211 -26.10 -9.27 7.42
CA VAL A 211 -26.30 -10.50 8.25
C VAL A 211 -27.48 -11.23 7.62
N LEU A 212 -27.25 -12.47 7.17
CA LEU A 212 -28.16 -13.23 6.28
C LEU A 212 -28.34 -14.64 6.82
N PRO A 213 -29.52 -15.27 6.66
CA PRO A 213 -29.68 -16.68 6.97
C PRO A 213 -29.10 -17.60 5.88
N ALA A 214 -28.68 -18.81 6.24
CA ALA A 214 -28.08 -19.82 5.34
C ALA A 214 -28.98 -20.05 4.13
N LYS A 215 -30.30 -20.02 4.36
CA LYS A 215 -31.38 -20.11 3.34
C LYS A 215 -30.97 -19.38 2.05
N ILE A 216 -30.31 -18.22 2.18
CA ILE A 216 -29.85 -17.33 1.07
C ILE A 216 -29.01 -18.12 0.06
N MET A 217 -28.23 -19.09 0.52
CA MET A 217 -27.36 -19.93 -0.35
C MET A 217 -28.25 -20.67 -1.37
N GLN A 218 -29.38 -21.22 -0.92
CA GLN A 218 -30.36 -21.94 -1.79
C GLN A 218 -30.99 -20.93 -2.75
N LEU A 219 -31.24 -19.73 -2.27
CA LEU A 219 -31.86 -18.64 -3.07
C LEU A 219 -30.86 -18.13 -4.12
N LEU A 220 -29.56 -18.09 -3.84
CA LEU A 220 -28.51 -17.69 -4.83
C LEU A 220 -28.41 -18.75 -5.93
N GLU A 221 -28.63 -20.02 -5.59
CA GLU A 221 -28.58 -21.13 -6.58
C GLU A 221 -29.74 -21.04 -7.59
N ASN A 222 -30.73 -20.16 -7.36
CA ASN A 222 -31.95 -20.04 -8.21
C ASN A 222 -32.21 -18.57 -8.59
N THR A 223 -31.19 -17.70 -8.63
CA THR A 223 -31.34 -16.30 -9.10
C THR A 223 -30.64 -16.13 -10.44
N PRO A 224 -31.36 -15.67 -11.49
CA PRO A 224 -30.78 -15.55 -12.83
C PRO A 224 -29.81 -14.36 -12.93
N LYS A 225 -28.92 -14.36 -13.92
CA LYS A 225 -27.93 -13.28 -14.19
C LYS A 225 -28.69 -11.96 -14.39
N GLY A 226 -28.46 -10.95 -13.54
CA GLY A 226 -29.18 -9.65 -13.52
C GLY A 226 -28.40 -8.55 -14.21
N ALA A 227 -28.29 -7.37 -13.57
CA ALA A 227 -27.43 -6.24 -13.99
C ALA A 227 -26.01 -6.73 -14.36
N GLY A 228 -25.40 -6.15 -15.40
CA GLY A 228 -24.04 -6.49 -15.89
C GLY A 228 -23.89 -7.94 -16.33
N ASN A 229 -25.01 -8.65 -16.59
CA ASN A 229 -25.09 -10.12 -16.82
C ASN A 229 -24.47 -10.88 -15.61
N GLU A 230 -24.38 -10.23 -14.44
CA GLU A 230 -23.83 -10.80 -13.17
C GLU A 230 -24.98 -11.27 -12.27
N ILE A 231 -24.79 -12.36 -11.52
CA ILE A 231 -25.80 -12.92 -10.56
C ILE A 231 -25.63 -12.23 -9.19
N GLN A 232 -26.73 -11.68 -8.69
CA GLN A 232 -26.82 -10.45 -7.88
C GLN A 232 -27.33 -10.81 -6.47
N LEU A 233 -26.65 -10.35 -5.41
CA LEU A 233 -27.05 -10.64 -4.01
C LEU A 233 -28.39 -9.94 -3.71
N THR A 234 -28.55 -8.69 -4.15
CA THR A 234 -29.78 -7.88 -3.95
C THR A 234 -30.99 -8.64 -4.52
N ASP A 235 -30.82 -9.40 -5.61
CA ASP A 235 -31.90 -10.18 -6.29
C ASP A 235 -32.29 -11.41 -5.46
N ALA A 236 -31.33 -12.03 -4.76
CA ALA A 236 -31.56 -13.17 -3.85
C ALA A 236 -32.23 -12.70 -2.55
N ILE A 237 -31.92 -11.48 -2.10
CA ILE A 237 -32.59 -10.86 -0.92
C ILE A 237 -34.03 -10.45 -1.30
N ALA A 238 -34.28 -9.99 -2.53
CA ALA A 238 -35.65 -9.75 -3.05
C ALA A 238 -36.46 -11.03 -2.87
N MET A 239 -35.87 -12.18 -3.18
CA MET A 239 -36.52 -13.51 -3.13
C MET A 239 -36.74 -13.94 -1.68
N LEU A 240 -35.85 -13.54 -0.78
CA LEU A 240 -35.96 -13.86 0.66
C LEU A 240 -37.17 -13.14 1.24
N GLN A 241 -37.50 -11.99 0.65
CA GLN A 241 -38.68 -11.15 1.00
C GLN A 241 -39.95 -12.01 0.96
N ASP A 242 -40.02 -13.01 0.07
CA ASP A 242 -41.22 -13.86 -0.13
C ASP A 242 -41.53 -14.69 1.13
N THR A 243 -40.58 -14.93 2.04
CA THR A 243 -40.87 -15.75 3.26
C THR A 243 -40.37 -15.12 4.57
N ASP A 244 -39.42 -14.18 4.53
CA ASP A 244 -38.76 -13.68 5.77
C ASP A 244 -38.82 -12.17 5.77
N THR A 245 -38.87 -11.55 6.94
CA THR A 245 -38.71 -10.09 7.12
C THR A 245 -37.25 -9.76 6.85
N VAL A 246 -37.03 -8.60 6.22
CA VAL A 246 -35.68 -8.04 5.93
C VAL A 246 -35.70 -6.59 6.43
N GLU A 247 -34.72 -6.22 7.24
CA GLU A 247 -34.64 -4.89 7.90
C GLU A 247 -33.42 -4.14 7.39
N ALA A 248 -33.56 -2.82 7.29
CA ALA A 248 -32.44 -1.88 7.12
C ALA A 248 -31.99 -1.42 8.51
N TYR A 249 -30.73 -1.69 8.86
CA TYR A 249 -30.04 -1.17 10.06
C TYR A 249 -29.24 0.08 9.68
N ARG A 250 -29.57 1.21 10.29
CA ARG A 250 -28.90 2.51 10.03
C ARG A 250 -27.71 2.65 10.96
N MET A 251 -26.52 2.81 10.39
CA MET A 251 -25.26 2.83 11.17
C MET A 251 -25.11 4.16 11.91
N GLN A 252 -24.36 4.10 13.01
CA GLN A 252 -24.04 5.21 13.94
C GLN A 252 -22.69 5.83 13.54
N GLY A 253 -21.78 5.00 12.98
CA GLY A 253 -20.45 5.42 12.52
C GLY A 253 -20.46 5.89 11.08
N GLN A 254 -19.29 5.90 10.44
CA GLN A 254 -19.01 6.58 9.14
C GLN A 254 -18.23 5.61 8.24
N THR A 255 -18.50 5.56 6.93
CA THR A 255 -17.84 4.67 5.93
C THR A 255 -16.75 5.40 5.14
N PHE A 256 -15.84 4.62 4.55
CA PHE A 256 -14.81 5.05 3.56
C PHE A 256 -14.67 3.98 2.48
N ASP A 257 -14.74 4.41 1.22
CA ASP A 257 -14.67 3.52 0.05
C ASP A 257 -13.23 3.56 -0.50
N CYS A 258 -12.43 2.59 -0.07
CA CYS A 258 -11.04 2.34 -0.53
C CYS A 258 -11.07 1.59 -1.87
N GLY A 259 -12.04 1.93 -2.72
CA GLY A 259 -12.16 1.43 -4.11
C GLY A 259 -11.96 2.57 -5.09
N SER A 260 -12.58 3.71 -4.81
CA SER A 260 -12.16 5.04 -5.35
C SER A 260 -10.78 5.39 -4.76
N LYS A 261 -10.09 6.33 -5.42
CA LYS A 261 -8.77 6.88 -5.02
C LYS A 261 -9.01 8.02 -4.02
N LEU A 262 -10.16 8.70 -4.10
CA LEU A 262 -10.47 9.87 -3.25
C LEU A 262 -11.07 9.42 -1.90
N GLY A 263 -11.89 8.37 -1.90
CA GLY A 263 -12.36 7.71 -0.66
C GLY A 263 -11.21 7.07 0.11
N TYR A 264 -10.26 6.47 -0.60
CA TYR A 264 -8.99 5.96 -0.01
C TYR A 264 -8.27 7.09 0.76
N LEU A 265 -8.06 8.23 0.12
CA LEU A 265 -7.23 9.34 0.67
C LEU A 265 -7.96 9.92 1.88
N LYS A 266 -9.28 10.08 1.78
CA LYS A 266 -10.15 10.46 2.93
C LYS A 266 -9.86 9.52 4.12
N ALA A 267 -9.83 8.21 3.89
CA ALA A 267 -9.64 7.17 4.94
C ALA A 267 -8.27 7.32 5.60
N VAL A 268 -7.21 7.49 4.81
CA VAL A 268 -5.82 7.70 5.30
C VAL A 268 -5.84 8.88 6.27
N LEU A 269 -6.37 10.03 5.83
CA LEU A 269 -6.46 11.25 6.67
C LEU A 269 -7.21 10.93 7.97
N HIS A 270 -8.41 10.37 7.91
CA HIS A 270 -9.25 10.16 9.12
C HIS A 270 -8.58 9.10 10.00
N TYR A 271 -8.08 7.97 9.47
CA TYR A 271 -7.39 6.94 10.28
C TYR A 271 -6.04 7.42 10.79
N GLY A 272 -5.25 8.08 9.93
CA GLY A 272 -3.98 8.75 10.31
C GLY A 272 -4.13 9.56 11.59
N LEU A 273 -5.06 10.52 11.61
CA LEU A 273 -5.34 11.45 12.75
C LEU A 273 -5.65 10.66 14.02
N GLU A 274 -6.37 9.55 13.89
CA GLU A 274 -6.96 8.80 15.03
C GLU A 274 -5.95 7.75 15.52
N HIS A 275 -4.90 7.50 14.74
CA HIS A 275 -3.85 6.49 15.05
C HIS A 275 -3.38 6.66 16.49
N PRO A 276 -3.39 5.60 17.31
CA PRO A 276 -3.06 5.74 18.73
C PRO A 276 -1.63 6.23 19.01
N LYS A 277 -0.71 6.09 18.05
CA LYS A 277 0.75 6.39 18.19
C LYS A 277 1.19 7.56 17.29
N LEU A 278 0.64 7.67 16.08
CA LEU A 278 1.11 8.63 15.03
C LEU A 278 0.21 9.86 14.97
N GLY A 279 -1.01 9.78 15.51
CA GLY A 279 -2.07 10.77 15.27
C GLY A 279 -1.57 12.20 15.41
N MET A 280 -0.99 12.51 16.58
CA MET A 280 -0.51 13.87 16.94
C MET A 280 0.49 14.34 15.88
N GLU A 281 1.56 13.58 15.67
CA GLU A 281 2.66 13.96 14.73
C GLU A 281 2.11 14.04 13.31
N PHE A 282 1.06 13.29 12.98
CA PHE A 282 0.41 13.34 11.64
C PHE A 282 -0.32 14.67 11.50
N LYS A 283 -1.19 15.02 12.45
CA LYS A 283 -1.86 16.36 12.53
C LYS A 283 -0.81 17.46 12.29
N GLN A 284 0.38 17.32 12.90
CA GLN A 284 1.48 18.32 12.82
C GLN A 284 2.01 18.39 11.38
N LEU A 285 2.24 17.24 10.72
CA LEU A 285 2.64 17.18 9.29
C LEU A 285 1.61 17.92 8.44
N ILE A 286 0.32 17.80 8.79
CA ILE A 286 -0.82 18.48 8.12
C ILE A 286 -0.64 20.01 8.24
N LEU A 287 -0.61 20.53 9.48
CA LEU A 287 -0.48 21.99 9.78
C LEU A 287 0.62 22.62 8.91
N GLU A 288 1.81 22.02 8.93
CA GLU A 288 3.06 22.53 8.28
C GLU A 288 2.87 22.68 6.76
N LEU A 289 1.81 22.11 6.17
CA LEU A 289 1.54 22.16 4.70
C LEU A 289 1.32 23.62 4.25
N LYS A 290 0.52 24.37 5.02
CA LYS A 290 0.25 25.82 4.82
C LYS A 290 -0.48 26.33 6.06
N MET B 1 28.70 8.04 -20.48
CA MET B 1 27.22 7.89 -20.67
C MET B 1 26.70 6.86 -19.65
N ILE B 2 25.83 7.24 -18.69
CA ILE B 2 25.36 6.34 -17.59
C ILE B 2 23.93 5.85 -17.85
N LYS B 3 23.82 4.54 -18.07
CA LYS B 3 22.67 3.84 -18.70
C LYS B 3 22.01 2.87 -17.71
N LYS B 4 22.78 2.43 -16.70
CA LYS B 4 22.38 1.32 -15.79
C LYS B 4 22.28 1.87 -14.37
N ALA B 5 21.19 1.55 -13.69
CA ALA B 5 20.97 1.80 -12.25
C ALA B 5 20.72 0.47 -11.55
N VAL B 6 21.36 0.27 -10.39
CA VAL B 6 21.16 -0.87 -9.47
C VAL B 6 20.19 -0.42 -8.38
N LEU B 7 19.07 -1.14 -8.21
CA LEU B 7 18.05 -0.86 -7.15
C LEU B 7 18.10 -2.03 -6.19
N PRO B 8 18.79 -1.90 -5.03
CA PRO B 8 18.89 -2.99 -4.08
C PRO B 8 17.59 -3.03 -3.27
N VAL B 9 16.78 -4.06 -3.51
CA VAL B 9 15.40 -4.19 -2.96
C VAL B 9 15.26 -5.55 -2.29
N ALA B 10 16.37 -6.19 -1.93
CA ALA B 10 16.42 -7.58 -1.43
C ALA B 10 16.03 -7.62 0.05
N GLY B 11 16.28 -6.54 0.80
CA GLY B 11 16.02 -6.48 2.25
C GLY B 11 14.53 -6.45 2.54
N LEU B 12 14.09 -7.04 3.66
CA LEU B 12 12.66 -7.18 4.03
C LEU B 12 12.14 -5.84 4.56
N GLY B 13 12.99 -5.03 5.18
CA GLY B 13 12.58 -3.73 5.77
C GLY B 13 11.54 -3.90 6.88
N THR B 14 12.00 -4.21 8.09
CA THR B 14 11.18 -4.38 9.31
C THR B 14 10.74 -3.03 9.90
N ARG B 15 11.10 -1.89 9.31
CA ARG B 15 10.71 -0.57 9.87
C ARG B 15 9.32 -0.11 9.39
N PHE B 16 8.80 -0.64 8.27
CA PHE B 16 7.43 -0.28 7.83
C PHE B 16 6.51 -1.50 7.96
N LEU B 17 6.67 -2.22 9.07
CA LEU B 17 5.71 -3.27 9.52
C LEU B 17 4.58 -2.58 10.30
N PRO B 18 3.33 -3.06 10.20
CA PRO B 18 2.98 -4.25 9.41
C PRO B 18 2.60 -4.08 7.92
N ALA B 19 2.67 -2.87 7.36
CA ALA B 19 2.33 -2.61 5.94
C ALA B 19 3.02 -3.62 5.00
N SER B 20 4.30 -3.88 5.29
CA SER B 20 5.25 -4.62 4.45
C SER B 20 5.30 -6.07 4.87
N LYS B 21 4.36 -6.51 5.69
CA LYS B 21 4.39 -7.89 6.22
C LYS B 21 4.28 -8.87 5.06
N SER B 22 3.23 -8.78 4.24
CA SER B 22 2.92 -9.77 3.15
C SER B 22 3.10 -9.15 1.77
N ILE B 23 3.53 -7.90 1.70
CA ILE B 23 3.95 -7.31 0.40
C ILE B 23 5.31 -6.66 0.59
N PRO B 24 6.09 -6.56 -0.51
CA PRO B 24 7.38 -5.87 -0.48
C PRO B 24 7.19 -4.44 0.03
N LYS B 25 8.15 -3.95 0.82
CA LYS B 25 8.15 -2.54 1.30
C LYS B 25 8.14 -1.63 0.07
N GLU B 26 8.64 -2.10 -1.07
CA GLU B 26 8.73 -1.26 -2.31
C GLU B 26 7.36 -1.12 -2.97
N MET B 27 6.41 -2.01 -2.70
CA MET B 27 5.05 -2.00 -3.32
C MET B 27 4.03 -1.24 -2.47
N VAL B 28 4.46 -0.71 -1.34
CA VAL B 28 3.57 0.01 -0.39
C VAL B 28 2.99 1.20 -1.16
N THR B 29 1.69 1.48 -1.02
CA THR B 29 1.01 2.44 -1.93
C THR B 29 1.20 3.85 -1.38
N VAL B 30 1.68 4.73 -2.26
CA VAL B 30 1.92 6.19 -2.05
C VAL B 30 0.95 6.95 -2.96
N VAL B 31 -0.15 7.42 -2.40
CA VAL B 31 -1.24 8.16 -3.11
C VAL B 31 -2.08 7.16 -3.91
N ASP B 32 -1.56 6.65 -5.03
CA ASP B 32 -2.32 5.77 -5.95
C ASP B 32 -1.42 4.73 -6.64
N ARG B 33 -0.17 4.56 -6.22
CA ARG B 33 0.83 3.71 -6.93
C ARG B 33 1.89 3.24 -5.95
N PRO B 34 2.59 2.13 -6.24
CA PRO B 34 3.62 1.65 -5.31
C PRO B 34 4.74 2.69 -5.29
N ALA B 35 5.44 2.75 -4.16
CA ALA B 35 6.55 3.69 -3.88
C ALA B 35 7.66 3.50 -4.91
N ILE B 36 7.91 2.28 -5.34
CA ILE B 36 9.06 2.01 -6.27
C ILE B 36 8.82 2.69 -7.62
N GLU B 37 7.58 2.92 -8.06
CA GLU B 37 7.32 3.59 -9.36
C GLU B 37 7.97 4.97 -9.32
N TYR B 38 7.89 5.66 -8.19
CA TYR B 38 8.47 7.03 -8.05
C TYR B 38 9.99 6.98 -8.26
N VAL B 39 10.63 5.90 -7.86
CA VAL B 39 12.11 5.75 -7.89
C VAL B 39 12.53 5.34 -9.31
N VAL B 40 11.82 4.39 -9.92
CA VAL B 40 12.08 3.98 -11.33
C VAL B 40 11.82 5.17 -12.25
N ARG B 41 10.82 5.99 -11.97
CA ARG B 41 10.52 7.22 -12.76
C ARG B 41 11.70 8.18 -12.65
N GLU B 42 12.22 8.39 -11.43
CA GLU B 42 13.41 9.24 -11.15
C GLU B 42 14.56 8.80 -12.06
N ALA B 43 14.80 7.49 -12.18
CA ALA B 43 15.97 6.96 -12.92
C ALA B 43 15.79 7.21 -14.41
N VAL B 44 14.62 6.87 -14.96
CA VAL B 44 14.24 6.94 -16.40
C VAL B 44 14.24 8.41 -16.85
N GLU B 45 13.73 9.32 -16.02
CA GLU B 45 13.69 10.78 -16.30
C GLU B 45 15.09 11.36 -16.22
N ALA B 46 16.09 10.56 -15.84
CA ALA B 46 17.51 10.98 -15.78
C ALA B 46 18.36 10.06 -16.67
N GLY B 47 17.73 9.39 -17.64
CA GLY B 47 18.41 8.75 -18.80
C GLY B 47 18.79 7.30 -18.56
N ILE B 48 18.34 6.68 -17.47
CA ILE B 48 18.58 5.22 -17.21
C ILE B 48 17.75 4.42 -18.21
N GLU B 49 18.26 3.27 -18.65
CA GLU B 49 17.63 2.39 -19.67
C GLU B 49 17.61 0.92 -19.23
N GLN B 50 18.50 0.52 -18.32
CA GLN B 50 18.51 -0.84 -17.71
C GLN B 50 18.31 -0.69 -16.20
N ILE B 51 17.11 -0.98 -15.69
CA ILE B 51 16.81 -0.98 -14.23
C ILE B 51 17.21 -2.34 -13.67
N ILE B 52 18.26 -2.41 -12.85
CA ILE B 52 18.76 -3.70 -12.29
C ILE B 52 18.24 -3.88 -10.87
N LEU B 53 17.23 -4.73 -10.70
CA LEU B 53 16.65 -5.04 -9.37
C LEU B 53 17.51 -6.13 -8.76
N VAL B 54 18.14 -5.83 -7.60
CA VAL B 54 18.81 -6.85 -6.75
C VAL B 54 17.78 -7.26 -5.71
N THR B 55 17.25 -8.47 -5.84
CA THR B 55 15.94 -8.80 -5.24
C THR B 55 15.99 -10.10 -4.40
N HIS B 56 14.82 -10.40 -3.84
CA HIS B 56 14.59 -11.48 -2.87
C HIS B 56 13.40 -12.31 -3.33
N SER B 57 13.38 -13.58 -2.96
CA SER B 57 12.38 -14.62 -3.33
C SER B 57 10.94 -14.12 -3.12
N SER B 58 10.73 -13.09 -2.29
CA SER B 58 9.40 -12.67 -1.78
C SER B 58 8.86 -11.44 -2.54
N LYS B 59 9.52 -11.01 -3.63
CA LYS B 59 9.28 -9.68 -4.27
C LYS B 59 8.99 -9.78 -5.78
N ALA B 60 8.35 -10.85 -6.23
CA ALA B 60 7.86 -11.03 -7.62
C ALA B 60 6.96 -9.86 -7.99
N SER B 61 6.16 -9.40 -7.01
CA SER B 61 5.14 -8.36 -7.25
C SER B 61 5.81 -7.11 -7.83
N ILE B 62 7.07 -6.84 -7.49
CA ILE B 62 7.82 -5.69 -8.08
C ILE B 62 8.06 -5.98 -9.57
N GLU B 63 8.61 -7.15 -9.90
CA GLU B 63 8.92 -7.49 -11.31
C GLU B 63 7.59 -7.40 -12.10
N ASN B 64 6.54 -8.04 -11.59
CA ASN B 64 5.19 -8.10 -12.21
C ASN B 64 4.68 -6.69 -12.53
N TYR B 65 5.01 -5.70 -11.69
CA TYR B 65 4.46 -4.32 -11.79
C TYR B 65 4.96 -3.67 -13.09
N PHE B 66 6.18 -3.99 -13.52
CA PHE B 66 6.76 -3.43 -14.76
C PHE B 66 6.63 -4.47 -15.88
N ASP B 67 5.83 -5.51 -15.66
CA ASP B 67 5.54 -6.53 -16.69
C ASP B 67 4.08 -6.30 -17.11
N ARG B 68 3.57 -7.12 -18.02
CA ARG B 68 2.14 -7.10 -18.41
C ARG B 68 1.40 -8.22 -17.67
N ASN B 69 0.13 -7.93 -17.38
CA ASN B 69 -0.78 -8.79 -16.59
C ASN B 69 -1.96 -9.11 -17.51
N PHE B 70 -1.93 -10.29 -18.15
CA PHE B 70 -2.89 -10.66 -19.22
C PHE B 70 -4.33 -10.55 -18.71
N GLU B 71 -4.70 -11.31 -17.67
CA GLU B 71 -6.10 -11.36 -17.14
C GLU B 71 -6.59 -9.95 -16.80
N LEU B 72 -5.75 -9.10 -16.19
CA LEU B 72 -6.18 -7.74 -15.76
C LEU B 72 -6.45 -6.90 -17.00
N GLU B 73 -5.57 -6.98 -18.01
CA GLU B 73 -5.66 -6.16 -19.24
C GLU B 73 -6.93 -6.51 -20.02
N THR B 74 -7.30 -7.79 -20.13
CA THR B 74 -8.52 -8.19 -20.89
C THR B 74 -9.75 -7.79 -20.05
N THR B 75 -9.73 -8.01 -18.74
CA THR B 75 -10.80 -7.53 -17.82
C THR B 75 -11.06 -6.05 -18.16
N LEU B 76 -10.00 -5.26 -18.36
CA LEU B 76 -10.09 -3.80 -18.68
C LEU B 76 -10.62 -3.58 -20.10
N GLU B 77 -10.29 -4.45 -21.07
CA GLU B 77 -10.79 -4.36 -22.48
C GLU B 77 -12.31 -4.64 -22.51
N GLN B 78 -12.72 -5.86 -22.12
CA GLN B 78 -14.13 -6.27 -21.90
C GLN B 78 -14.94 -5.12 -21.29
N LYS B 79 -14.43 -4.49 -20.23
CA LYS B 79 -15.09 -3.36 -19.51
C LYS B 79 -14.86 -2.03 -20.27
N LYS B 80 -14.12 -2.03 -21.39
CA LYS B 80 -13.97 -0.86 -22.31
C LYS B 80 -13.32 0.34 -21.59
N LYS B 81 -12.45 0.09 -20.60
CA LYS B 81 -11.84 1.14 -19.73
C LYS B 81 -10.37 1.36 -20.13
N PHE B 82 -10.15 2.14 -21.19
CA PHE B 82 -8.92 2.14 -22.01
C PHE B 82 -7.91 3.16 -21.47
N ASP B 83 -8.35 4.15 -20.70
CA ASP B 83 -7.46 5.18 -20.07
C ASP B 83 -6.71 4.54 -18.89
N LEU B 84 -7.39 3.66 -18.14
CA LEU B 84 -6.78 2.81 -17.07
C LEU B 84 -5.79 1.84 -17.70
N LEU B 85 -6.20 1.16 -18.76
CA LEU B 85 -5.38 0.18 -19.53
C LEU B 85 -4.05 0.83 -19.96
N ALA B 86 -4.07 2.10 -20.33
CA ALA B 86 -2.88 2.82 -20.84
C ALA B 86 -1.91 3.10 -19.67
N GLU B 87 -2.47 3.38 -18.49
CA GLU B 87 -1.75 3.69 -17.24
C GLU B 87 -1.06 2.43 -16.68
N ILE B 88 -1.47 1.20 -17.03
CA ILE B 88 -0.80 -0.03 -16.51
C ILE B 88 0.08 -0.72 -17.57
N THR B 89 0.08 -0.30 -18.83
CA THR B 89 0.90 -0.96 -19.89
C THR B 89 2.15 -0.14 -20.23
N GLN B 90 2.09 1.19 -20.19
CA GLN B 90 3.23 2.03 -20.66
C GLN B 90 4.02 2.51 -19.43
N ILE B 91 4.12 1.68 -18.38
CA ILE B 91 4.58 2.13 -17.03
C ILE B 91 5.97 2.75 -17.17
N VAL B 92 6.84 2.13 -17.96
CA VAL B 92 8.15 2.68 -18.44
C VAL B 92 8.20 2.59 -19.96
N PRO B 93 8.92 3.50 -20.66
CA PRO B 93 8.99 3.49 -22.12
C PRO B 93 9.56 2.19 -22.70
N GLU B 94 9.22 1.88 -23.96
CA GLU B 94 9.65 0.64 -24.69
C GLU B 94 11.15 0.40 -24.44
N HIS B 95 11.99 1.43 -24.58
CA HIS B 95 13.48 1.33 -24.57
C HIS B 95 14.06 1.03 -23.17
N VAL B 96 13.27 1.08 -22.10
CA VAL B 96 13.73 0.81 -20.70
C VAL B 96 13.50 -0.67 -20.42
N SER B 97 14.54 -1.39 -19.98
CA SER B 97 14.46 -2.83 -19.60
C SER B 97 14.62 -2.94 -18.08
N VAL B 98 13.82 -3.81 -17.46
CA VAL B 98 13.90 -4.16 -16.01
C VAL B 98 14.46 -5.57 -15.90
N ILE B 99 15.65 -5.71 -15.30
CA ILE B 99 16.42 -7.00 -15.09
C ILE B 99 16.37 -7.39 -13.60
N SER B 100 16.28 -8.68 -13.30
CA SER B 100 16.29 -9.23 -11.92
C SER B 100 17.58 -10.01 -11.66
N VAL B 101 18.15 -9.85 -10.47
CA VAL B 101 19.14 -10.82 -9.93
C VAL B 101 18.84 -11.03 -8.44
N ARG B 102 19.12 -12.23 -7.95
CA ARG B 102 18.84 -12.59 -6.53
C ARG B 102 20.08 -12.29 -5.70
N GLN B 103 19.88 -11.53 -4.60
CA GLN B 103 20.82 -11.50 -3.46
C GLN B 103 20.53 -12.71 -2.58
N PRO B 104 21.40 -13.74 -2.59
CA PRO B 104 21.12 -15.00 -1.91
C PRO B 104 20.78 -14.77 -0.42
N GLN B 105 21.70 -14.15 0.33
CA GLN B 105 21.54 -13.82 1.78
C GLN B 105 21.73 -12.33 1.99
N PRO B 106 21.03 -11.71 2.99
CA PRO B 106 21.09 -10.26 3.19
C PRO B 106 22.37 -9.78 3.88
N LEU B 107 23.53 -9.92 3.23
CA LEU B 107 24.84 -9.58 3.81
C LEU B 107 25.21 -8.11 3.51
N GLY B 108 24.27 -7.18 3.51
CA GLY B 108 24.59 -5.73 3.46
C GLY B 108 24.53 -5.07 2.08
N LEU B 109 24.40 -3.75 2.07
CA LEU B 109 24.25 -2.93 0.83
C LEU B 109 25.37 -3.23 -0.16
N GLY B 110 26.61 -3.24 0.30
CA GLY B 110 27.76 -3.52 -0.60
C GLY B 110 27.60 -4.86 -1.30
N HIS B 111 27.10 -5.87 -0.60
CA HIS B 111 26.93 -7.24 -1.15
C HIS B 111 25.84 -7.19 -2.24
N ALA B 112 24.72 -6.50 -1.97
CA ALA B 112 23.65 -6.22 -2.95
C ALA B 112 24.27 -5.70 -4.26
N VAL B 113 24.93 -4.55 -4.22
CA VAL B 113 25.58 -3.94 -5.42
C VAL B 113 26.52 -4.97 -6.07
N LEU B 114 27.25 -5.76 -5.31
CA LEU B 114 28.21 -6.74 -5.90
C LEU B 114 27.46 -7.87 -6.61
N CYS B 115 26.21 -8.16 -6.23
CA CYS B 115 25.35 -9.19 -6.88
C CYS B 115 25.04 -8.79 -8.33
N ALA B 116 25.09 -7.48 -8.62
CA ALA B 116 24.80 -6.92 -9.95
C ALA B 116 26.05 -6.89 -10.85
N LYS B 117 27.17 -7.47 -10.42
CA LYS B 117 28.49 -7.38 -11.12
C LYS B 117 28.35 -7.84 -12.58
N SER B 118 27.78 -9.02 -12.80
CA SER B 118 27.74 -9.70 -14.13
C SER B 118 26.93 -8.84 -15.14
N VAL B 119 25.93 -8.10 -14.66
CA VAL B 119 24.97 -7.35 -15.53
C VAL B 119 25.58 -6.00 -15.88
N VAL B 120 26.26 -5.35 -14.92
CA VAL B 120 26.85 -4.00 -15.04
C VAL B 120 28.11 -4.04 -15.94
N GLY B 121 28.84 -5.16 -15.94
CA GLY B 121 30.06 -5.36 -16.75
C GLY B 121 31.10 -4.27 -16.51
N GLU B 122 31.62 -3.64 -17.58
CA GLU B 122 32.71 -2.62 -17.54
C GLU B 122 32.11 -1.22 -17.48
N ASP B 123 30.78 -1.10 -17.38
CA ASP B 123 30.06 0.21 -17.47
C ASP B 123 29.98 0.88 -16.11
N ASP B 124 29.99 2.21 -16.12
CA ASP B 124 29.71 3.06 -14.93
C ASP B 124 28.20 2.96 -14.68
N PHE B 125 27.74 3.24 -13.44
CA PHE B 125 26.35 2.92 -13.05
C PHE B 125 25.89 3.76 -11.86
N ALA B 126 24.57 4.01 -11.82
CA ALA B 126 23.88 4.68 -10.71
C ALA B 126 23.50 3.63 -9.67
N VAL B 127 23.35 4.03 -8.40
CA VAL B 127 22.74 3.20 -7.33
C VAL B 127 21.63 4.03 -6.69
N LEU B 128 20.44 3.44 -6.58
CA LEU B 128 19.24 4.11 -6.02
C LEU B 128 18.66 3.23 -4.92
N LEU B 129 18.63 3.74 -3.69
CA LEU B 129 17.93 3.05 -2.57
C LEU B 129 16.46 3.45 -2.63
N PRO B 130 15.56 2.51 -2.99
CA PRO B 130 14.18 2.88 -3.26
C PRO B 130 13.37 3.16 -1.99
N ASP B 131 13.98 2.96 -0.82
CA ASP B 131 13.33 3.31 0.47
C ASP B 131 13.16 4.84 0.51
N VAL B 132 14.07 5.57 -0.12
CA VAL B 132 14.06 7.05 -0.12
C VAL B 132 13.44 7.53 -1.42
N LEU B 133 12.49 8.44 -1.36
CA LEU B 133 11.89 9.12 -2.55
C LEU B 133 12.47 10.51 -2.64
N VAL B 134 12.79 10.96 -3.85
CA VAL B 134 13.36 12.32 -4.11
C VAL B 134 12.44 13.09 -5.06
N LYS B 135 11.87 14.20 -4.57
CA LYS B 135 10.94 15.08 -5.31
C LYS B 135 11.68 16.36 -5.77
N ASP B 136 11.58 16.70 -7.06
CA ASP B 136 12.20 17.88 -7.75
C ASP B 136 11.20 19.04 -7.83
N GLY B 137 11.64 20.21 -8.33
CA GLY B 137 10.78 21.33 -8.75
C GLY B 137 11.36 22.17 -9.89
N SER B 138 12.39 21.68 -10.59
CA SER B 138 13.21 22.43 -11.57
C SER B 138 12.86 22.04 -13.01
N GLY B 139 12.74 20.74 -13.29
CA GLY B 139 12.71 20.19 -14.66
C GLY B 139 14.01 19.48 -15.01
N GLN B 140 14.98 19.49 -14.09
CA GLN B 140 16.17 18.58 -14.08
C GLN B 140 16.33 18.03 -12.66
N ASN B 141 16.11 16.73 -12.47
CA ASN B 141 16.03 16.09 -11.12
C ASN B 141 17.47 15.83 -10.62
N ASP B 142 17.65 15.67 -9.32
CA ASP B 142 19.00 15.70 -8.69
C ASP B 142 19.87 14.57 -9.25
N LEU B 143 19.25 13.42 -9.55
CA LEU B 143 19.98 12.24 -10.11
C LEU B 143 20.59 12.64 -11.45
N SER B 144 19.81 13.32 -12.29
CA SER B 144 20.25 13.87 -13.60
C SER B 144 21.46 14.80 -13.39
N ARG B 145 21.37 15.79 -12.50
CA ARG B 145 22.44 16.81 -12.24
C ARG B 145 23.71 16.07 -11.82
N MET B 146 23.54 15.07 -10.96
CA MET B 146 24.63 14.28 -10.34
C MET B 146 25.30 13.37 -11.40
N ILE B 147 24.53 12.84 -12.35
CA ILE B 147 25.08 12.06 -13.51
C ILE B 147 25.84 13.04 -14.42
N SER B 148 25.17 14.06 -14.93
CA SER B 148 25.76 15.17 -15.71
C SER B 148 27.15 15.52 -15.15
N ARG B 149 27.30 15.53 -13.82
CA ARG B 149 28.54 15.92 -13.11
C ARG B 149 29.53 14.74 -13.09
N TYR B 150 29.09 13.49 -12.90
CA TYR B 150 29.99 12.31 -13.00
C TYR B 150 30.69 12.39 -14.37
N ASN B 151 29.92 12.71 -15.42
CA ASN B 151 30.35 12.63 -16.86
C ASN B 151 31.55 13.56 -17.10
N SER B 152 31.47 14.83 -16.69
CA SER B 152 32.57 15.84 -16.78
C SER B 152 33.72 15.45 -15.84
N SER B 153 33.46 15.49 -14.53
CA SER B 153 34.44 15.30 -13.44
C SER B 153 35.13 13.93 -13.56
N GLN B 154 34.36 12.90 -13.89
CA GLN B 154 34.76 11.46 -13.85
C GLN B 154 34.99 11.06 -12.38
N ALA B 155 34.44 11.84 -11.44
CA ALA B 155 34.49 11.61 -9.98
C ALA B 155 33.18 10.95 -9.51
N ALA B 156 33.29 9.82 -8.81
CA ALA B 156 32.15 9.16 -8.14
C ALA B 156 31.35 10.22 -7.38
N GLN B 157 30.01 10.12 -7.37
CA GLN B 157 29.13 11.12 -6.69
C GLN B 157 28.28 10.43 -5.61
N ILE B 158 28.19 11.03 -4.43
CA ILE B 158 27.30 10.63 -3.30
C ILE B 158 26.34 11.76 -3.06
N MET B 159 25.04 11.51 -3.22
CA MET B 159 24.04 12.55 -2.97
C MET B 159 23.96 12.76 -1.46
N VAL B 160 23.97 14.02 -1.04
CA VAL B 160 23.94 14.40 0.40
C VAL B 160 22.95 15.55 0.57
N GLU B 161 22.45 15.71 1.79
CA GLU B 161 21.60 16.84 2.20
C GLU B 161 21.85 17.15 3.69
N ALA B 162 21.70 18.43 4.02
CA ALA B 162 21.95 19.02 5.35
C ALA B 162 20.88 18.57 6.34
N VAL B 163 21.30 18.22 7.55
CA VAL B 163 20.36 17.76 8.62
C VAL B 163 20.58 18.64 9.84
N PRO B 164 19.56 18.77 10.72
CA PRO B 164 19.72 19.57 11.93
C PRO B 164 20.92 19.00 12.70
N ASP B 165 21.72 19.86 13.34
CA ASP B 165 22.96 19.48 14.06
C ASP B 165 22.70 18.34 15.05
N HIS B 166 21.53 18.34 15.70
CA HIS B 166 21.20 17.41 16.82
C HIS B 166 20.84 16.01 16.32
N LEU B 167 20.81 15.80 15.00
CA LEU B 167 20.32 14.54 14.36
C LEU B 167 21.43 13.89 13.54
N VAL B 168 22.60 14.53 13.36
CA VAL B 168 23.73 13.93 12.59
C VAL B 168 24.02 12.54 13.15
N ASP B 169 23.66 12.34 14.42
CA ASP B 169 23.59 11.07 15.19
C ASP B 169 22.96 9.95 14.36
N GLN B 170 21.95 10.26 13.52
CA GLN B 170 21.04 9.25 12.90
C GLN B 170 21.54 8.79 11.51
N TYR B 171 22.60 9.39 10.95
CA TYR B 171 22.84 9.40 9.48
C TYR B 171 24.30 9.10 9.14
N GLY B 172 24.53 8.53 7.96
CA GLY B 172 25.86 8.59 7.32
C GLY B 172 26.18 10.04 7.08
N ILE B 173 27.36 10.54 7.50
CA ILE B 173 27.76 11.95 7.24
C ILE B 173 29.08 11.94 6.45
N VAL B 174 29.22 12.86 5.49
CA VAL B 174 30.44 13.03 4.64
C VAL B 174 31.42 14.00 5.32
N ASP B 175 32.71 13.67 5.24
CA ASP B 175 33.86 14.56 5.55
C ASP B 175 34.06 15.47 4.34
N VAL B 176 33.69 16.74 4.45
CA VAL B 176 34.00 17.81 3.45
C VAL B 176 34.76 18.92 4.16
N ALA B 177 35.76 19.49 3.50
CA ALA B 177 36.38 20.78 3.92
C ALA B 177 35.26 21.79 4.14
N GLN B 178 34.28 21.81 3.23
CA GLN B 178 33.27 22.91 3.12
C GLN B 178 32.00 22.36 2.46
N SER B 179 30.85 22.99 2.73
CA SER B 179 29.53 22.68 2.13
C SER B 179 29.46 23.26 0.71
N PRO B 180 29.25 22.39 -0.30
CA PRO B 180 28.89 22.86 -1.64
C PRO B 180 27.54 23.60 -1.59
N ASN B 181 27.16 24.32 -2.66
CA ASN B 181 25.83 24.95 -2.78
C ASN B 181 24.80 23.91 -3.23
N GLU B 182 23.54 24.07 -2.82
CA GLU B 182 22.39 23.29 -3.39
C GLU B 182 22.63 23.22 -4.90
N GLY B 183 22.96 22.04 -5.44
CA GLY B 183 23.04 21.77 -6.89
C GLY B 183 24.46 21.46 -7.38
N GLU B 184 25.46 21.46 -6.49
CA GLU B 184 26.89 21.28 -6.86
C GLU B 184 27.58 20.27 -5.94
N SER B 185 28.82 19.91 -6.31
CA SER B 185 29.68 18.90 -5.64
C SER B 185 30.98 19.54 -5.10
N ILE B 186 31.51 19.02 -3.98
CA ILE B 186 32.89 19.29 -3.46
C ILE B 186 33.60 17.95 -3.35
N ALA B 187 34.93 17.97 -3.26
CA ALA B 187 35.75 16.80 -2.86
C ALA B 187 35.30 16.35 -1.45
N MET B 188 35.43 15.05 -1.15
CA MET B 188 35.06 14.47 0.17
C MET B 188 36.09 13.39 0.55
N GLN B 189 36.43 13.34 1.84
CA GLN B 189 37.53 12.48 2.37
C GLN B 189 36.95 11.12 2.78
N GLY B 190 35.65 11.06 3.08
CA GLY B 190 34.98 9.79 3.39
C GLY B 190 33.71 9.99 4.18
N ILE B 191 33.20 8.90 4.76
CA ILE B 191 31.89 8.86 5.48
C ILE B 191 32.16 8.39 6.91
N VAL B 192 31.57 9.06 7.89
CA VAL B 192 31.47 8.55 9.29
C VAL B 192 30.02 8.12 9.54
N GLU B 193 29.83 6.86 9.98
CA GLU B 193 28.49 6.29 10.22
C GLU B 193 28.06 6.66 11.63
N LYS B 194 27.03 7.52 11.75
CA LYS B 194 26.39 7.90 13.03
C LYS B 194 27.41 8.54 13.95
N PRO B 195 28.12 9.60 13.50
CA PRO B 195 29.12 10.26 14.35
C PRO B 195 28.46 10.76 15.62
N PRO B 196 29.17 10.69 16.78
CA PRO B 196 28.67 11.33 18.00
C PRO B 196 28.23 12.78 17.75
N VAL B 197 27.05 13.16 18.26
CA VAL B 197 26.32 14.44 17.96
C VAL B 197 27.31 15.62 17.85
N GLY B 198 28.28 15.74 18.76
CA GLY B 198 29.22 16.88 18.77
C GLY B 198 30.27 16.82 17.67
N ALA B 199 30.72 15.62 17.26
CA ALA B 199 32.05 15.36 16.62
C ALA B 199 31.94 14.88 15.17
N ALA B 200 30.94 15.34 14.42
CA ALA B 200 30.74 15.00 12.98
C ALA B 200 31.43 16.04 12.08
N PRO B 201 32.04 15.62 10.95
CA PRO B 201 32.76 16.55 10.07
C PRO B 201 31.90 17.46 9.17
N SER B 202 30.57 17.29 9.17
CA SER B 202 29.59 18.23 8.54
C SER B 202 28.17 17.90 9.00
N ASN B 203 27.20 18.65 8.49
CA ASN B 203 25.74 18.43 8.72
C ASN B 203 25.11 17.75 7.49
N LEU B 204 25.91 17.20 6.57
CA LEU B 204 25.45 16.69 5.24
C LEU B 204 25.26 15.17 5.26
N SER B 205 24.00 14.69 5.32
CA SER B 205 23.62 13.25 5.39
C SER B 205 23.77 12.58 4.02
N VAL B 206 24.21 11.32 3.99
CA VAL B 206 24.18 10.46 2.77
C VAL B 206 22.70 10.09 2.56
N VAL B 207 22.17 10.39 1.38
CA VAL B 207 20.70 10.33 1.09
C VAL B 207 20.32 8.93 0.58
N GLY B 208 21.20 8.28 -0.19
CA GLY B 208 20.96 6.97 -0.84
C GLY B 208 20.88 7.04 -2.37
N ARG B 209 21.61 7.97 -3.01
CA ARG B 209 21.84 8.01 -4.46
C ARG B 209 23.34 8.10 -4.72
N TYR B 210 23.88 7.24 -5.56
CA TYR B 210 25.31 7.22 -5.95
C TYR B 210 25.42 7.09 -7.46
N VAL B 211 26.51 7.63 -7.99
CA VAL B 211 27.07 7.27 -9.33
C VAL B 211 28.50 6.81 -9.10
N LEU B 212 28.82 5.61 -9.56
CA LEU B 212 30.09 4.89 -9.28
C LEU B 212 30.70 4.36 -10.57
N PRO B 213 32.04 4.28 -10.66
CA PRO B 213 32.70 3.54 -11.73
C PRO B 213 32.62 2.00 -11.59
N ALA B 214 32.65 1.30 -12.72
CA ALA B 214 32.70 -0.17 -12.78
C ALA B 214 33.67 -0.76 -11.74
N LYS B 215 34.84 -0.13 -11.53
CA LYS B 215 35.97 -0.78 -10.78
C LYS B 215 35.59 -0.95 -9.30
N ILE B 216 34.56 -0.25 -8.82
CA ILE B 216 34.03 -0.44 -7.42
C ILE B 216 33.72 -1.94 -7.19
N MET B 217 33.39 -2.67 -8.26
CA MET B 217 32.98 -4.09 -8.13
C MET B 217 34.18 -4.91 -7.66
N GLN B 218 35.34 -4.77 -8.32
CA GLN B 218 36.59 -5.46 -7.85
C GLN B 218 36.82 -5.06 -6.38
N LEU B 219 36.75 -3.76 -6.08
CA LEU B 219 36.96 -3.24 -4.71
C LEU B 219 36.03 -4.00 -3.75
N LEU B 220 34.74 -4.14 -4.11
CA LEU B 220 33.73 -4.84 -3.28
C LEU B 220 34.13 -6.31 -3.07
N GLU B 221 34.76 -6.94 -4.04
CA GLU B 221 35.23 -8.34 -3.88
C GLU B 221 36.35 -8.40 -2.82
N ASN B 222 37.12 -7.32 -2.66
CA ASN B 222 38.30 -7.26 -1.75
C ASN B 222 38.05 -6.33 -0.56
N THR B 223 36.80 -6.14 -0.12
CA THR B 223 36.50 -5.51 1.20
C THR B 223 36.03 -6.61 2.15
N PRO B 224 36.55 -6.62 3.40
CA PRO B 224 35.99 -7.46 4.46
C PRO B 224 34.72 -6.87 5.10
N LYS B 225 34.12 -7.63 6.03
CA LYS B 225 32.85 -7.29 6.74
C LYS B 225 33.01 -5.99 7.54
N GLY B 226 31.89 -5.41 7.99
CA GLY B 226 31.83 -4.14 8.77
C GLY B 226 31.02 -4.28 10.03
N ALA B 227 29.72 -3.95 9.99
CA ALA B 227 28.77 -4.00 11.12
C ALA B 227 28.03 -5.35 11.15
N GLY B 228 28.79 -6.46 11.04
CA GLY B 228 28.26 -7.83 10.90
C GLY B 228 27.25 -7.96 9.77
N ASN B 229 27.40 -7.12 8.73
CA ASN B 229 26.65 -7.12 7.44
C ASN B 229 27.73 -7.19 6.34
N GLU B 230 28.35 -8.38 6.23
CA GLU B 230 29.56 -8.73 5.41
C GLU B 230 30.03 -7.47 4.65
N ILE B 231 29.62 -7.30 3.40
CA ILE B 231 30.25 -6.24 2.58
C ILE B 231 29.53 -4.92 2.81
N GLN B 232 30.29 -3.89 3.19
CA GLN B 232 29.78 -2.51 3.33
C GLN B 232 30.31 -1.66 2.16
N LEU B 233 29.41 -0.93 1.50
CA LEU B 233 29.70 -0.09 0.31
C LEU B 233 30.71 1.01 0.68
N THR B 234 30.51 1.71 1.80
CA THR B 234 31.34 2.89 2.21
C THR B 234 32.80 2.47 2.38
N ASP B 235 33.05 1.22 2.78
CA ASP B 235 34.42 0.65 2.86
C ASP B 235 35.04 0.67 1.45
N ALA B 236 34.28 0.21 0.45
CA ALA B 236 34.70 0.13 -0.97
C ALA B 236 34.94 1.54 -1.54
N ILE B 237 34.17 2.52 -1.07
CA ILE B 237 34.23 3.95 -1.53
C ILE B 237 35.47 4.60 -0.93
N ALA B 238 35.80 4.25 0.32
CA ALA B 238 37.08 4.59 0.98
C ALA B 238 38.23 4.04 0.12
N MET B 239 38.20 2.74 -0.18
CA MET B 239 39.21 2.07 -1.06
C MET B 239 39.35 2.82 -2.39
N LEU B 240 38.24 3.33 -2.94
CA LEU B 240 38.25 4.13 -4.21
C LEU B 240 39.08 5.41 -4.02
N GLN B 241 39.02 6.02 -2.83
CA GLN B 241 39.66 7.34 -2.52
C GLN B 241 41.19 7.30 -2.69
N ASP B 242 41.81 6.11 -2.57
CA ASP B 242 43.28 5.90 -2.68
C ASP B 242 43.70 5.89 -4.16
N THR B 243 42.81 6.24 -5.08
CA THR B 243 43.04 6.18 -6.56
C THR B 243 42.41 7.41 -7.25
N ASP B 244 41.15 7.73 -6.93
CA ASP B 244 40.36 8.74 -7.67
C ASP B 244 39.72 9.73 -6.69
N THR B 245 39.54 10.97 -7.16
CA THR B 245 38.64 12.01 -6.61
C THR B 245 37.25 11.39 -6.43
N VAL B 246 36.71 11.38 -5.21
CA VAL B 246 35.27 11.08 -4.96
C VAL B 246 34.60 12.37 -4.48
N GLU B 247 33.49 12.75 -5.08
CA GLU B 247 32.80 14.02 -4.74
C GLU B 247 31.47 13.72 -4.06
N ALA B 248 31.05 14.65 -3.19
CA ALA B 248 29.74 14.66 -2.50
C ALA B 248 28.86 15.67 -3.21
N TYR B 249 27.72 15.23 -3.77
CA TYR B 249 26.76 16.10 -4.50
C TYR B 249 25.59 16.47 -3.57
N ARG B 250 25.45 17.77 -3.31
CA ARG B 250 24.38 18.32 -2.45
C ARG B 250 23.17 18.58 -3.34
N MET B 251 22.00 18.13 -2.92
CA MET B 251 20.77 18.10 -3.75
C MET B 251 19.96 19.37 -3.54
N GLN B 252 19.21 19.77 -4.57
CA GLN B 252 18.31 20.95 -4.55
C GLN B 252 16.89 20.46 -4.22
N GLY B 253 16.65 19.16 -4.40
CA GLY B 253 15.32 18.56 -4.17
C GLY B 253 15.03 18.37 -2.70
N GLN B 254 14.03 17.52 -2.41
CA GLN B 254 13.54 17.16 -1.05
C GLN B 254 13.40 15.63 -0.96
N THR B 255 13.61 15.05 0.24
CA THR B 255 13.58 13.56 0.46
C THR B 255 12.44 13.11 1.40
N PHE B 256 12.08 11.83 1.29
CA PHE B 256 11.08 11.14 2.15
C PHE B 256 11.53 9.69 2.37
N ASP B 257 11.75 9.30 3.62
CA ASP B 257 12.04 7.89 4.00
C ASP B 257 10.70 7.17 4.07
N CYS B 258 10.36 6.37 3.05
CA CYS B 258 9.09 5.58 3.00
C CYS B 258 9.23 4.26 3.79
N GLY B 259 10.30 4.14 4.58
CA GLY B 259 10.51 3.06 5.55
C GLY B 259 10.15 3.51 6.96
N SER B 260 10.30 4.81 7.26
CA SER B 260 9.86 5.43 8.54
C SER B 260 8.39 5.84 8.38
N LYS B 261 7.55 5.52 9.38
CA LYS B 261 6.08 5.63 9.30
C LYS B 261 5.69 7.09 9.03
N LEU B 262 6.40 8.04 9.64
CA LEU B 262 6.20 9.52 9.46
C LEU B 262 6.75 10.01 8.12
N GLY B 263 7.88 9.48 7.67
CA GLY B 263 8.42 9.76 6.31
C GLY B 263 7.45 9.34 5.23
N TYR B 264 6.82 8.17 5.34
CA TYR B 264 5.78 7.67 4.40
C TYR B 264 4.54 8.57 4.49
N LEU B 265 4.03 8.84 5.68
CA LEU B 265 2.85 9.74 5.86
C LEU B 265 3.13 11.11 5.22
N LYS B 266 4.39 11.56 5.20
CA LYS B 266 4.76 12.90 4.68
C LYS B 266 4.78 12.86 3.16
N ALA B 267 5.19 11.73 2.57
CA ALA B 267 5.25 11.53 1.11
C ALA B 267 3.82 11.54 0.55
N VAL B 268 2.91 10.82 1.22
CA VAL B 268 1.46 10.77 0.90
C VAL B 268 0.93 12.21 0.84
N LEU B 269 1.15 12.99 1.90
CA LEU B 269 0.67 14.40 1.94
C LEU B 269 1.23 15.18 0.74
N HIS B 270 2.56 15.33 0.64
CA HIS B 270 3.26 16.17 -0.36
C HIS B 270 2.94 15.69 -1.79
N TYR B 271 3.11 14.39 -2.09
CA TYR B 271 2.87 13.86 -3.45
C TYR B 271 1.39 13.93 -3.83
N GLY B 272 0.50 13.83 -2.84
CA GLY B 272 -0.96 13.91 -3.05
C GLY B 272 -1.40 15.32 -3.44
N LEU B 273 -0.87 16.35 -2.78
CA LEU B 273 -1.26 17.77 -3.01
C LEU B 273 -0.89 18.18 -4.44
N GLU B 274 0.06 17.44 -5.06
CA GLU B 274 0.61 17.73 -6.41
C GLU B 274 0.20 16.68 -7.44
N HIS B 275 -0.79 15.82 -7.13
CA HIS B 275 -1.29 14.82 -8.11
C HIS B 275 -2.05 15.60 -9.18
N PRO B 276 -1.88 15.33 -10.49
CA PRO B 276 -2.67 15.99 -11.52
C PRO B 276 -4.17 16.09 -11.12
N LYS B 277 -4.88 14.95 -11.12
CA LYS B 277 -6.35 14.83 -10.90
C LYS B 277 -6.71 15.22 -9.46
N LEU B 278 -6.11 14.56 -8.47
CA LEU B 278 -6.64 14.47 -7.08
C LEU B 278 -6.12 15.61 -6.22
N GLY B 279 -5.05 16.29 -6.65
CA GLY B 279 -4.40 17.35 -5.85
C GLY B 279 -5.40 18.32 -5.26
N MET B 280 -6.33 18.81 -6.09
CA MET B 280 -7.27 19.92 -5.75
C MET B 280 -8.37 19.38 -4.84
N GLU B 281 -8.88 18.19 -5.17
CA GLU B 281 -9.92 17.46 -4.40
C GLU B 281 -9.31 16.96 -3.07
N PHE B 282 -8.02 16.63 -3.08
CA PHE B 282 -7.26 16.18 -1.88
C PHE B 282 -7.02 17.41 -0.99
N LYS B 283 -6.50 18.51 -1.55
CA LYS B 283 -6.35 19.79 -0.80
C LYS B 283 -7.69 20.08 -0.10
N GLN B 284 -8.79 19.90 -0.84
CA GLN B 284 -10.19 20.11 -0.37
C GLN B 284 -10.39 19.26 0.91
N LEU B 285 -10.17 17.93 0.85
CA LEU B 285 -10.41 16.98 1.98
C LEU B 285 -9.62 17.40 3.23
N ILE B 286 -8.43 17.95 3.06
CA ILE B 286 -7.54 18.34 4.20
C ILE B 286 -8.19 19.51 4.97
N LEU B 287 -8.70 20.53 4.25
CA LEU B 287 -9.33 21.75 4.82
C LEU B 287 -10.59 21.37 5.64
N GLU B 288 -11.33 20.35 5.19
CA GLU B 288 -12.61 19.91 5.81
C GLU B 288 -12.38 19.17 7.14
N LEU B 289 -11.18 19.23 7.74
CA LEU B 289 -10.85 18.55 9.03
C LEU B 289 -10.80 19.56 10.19
N LYS B 290 -10.33 20.78 9.93
CA LYS B 290 -10.30 21.91 10.91
C LYS B 290 -11.56 22.76 10.74
N1 URI C . -16.33 -9.44 -5.56
C2 URI C . -17.20 -8.94 -6.52
N3 URI C . -17.52 -9.79 -7.53
C4 URI C . -17.07 -11.08 -7.71
C5 URI C . -16.17 -11.54 -6.68
C6 URI C . -15.84 -10.72 -5.67
O2 URI C . -17.65 -7.80 -6.47
O4 URI C . -17.45 -11.70 -8.70
C1' URI C . -15.97 -8.54 -4.44
C2' URI C . -15.01 -7.43 -4.87
C3' URI C . -15.39 -6.32 -3.85
C4' URI C . -16.91 -6.49 -3.77
O2' URI C . -13.65 -7.79 -4.78
O3' URI C . -14.81 -6.48 -2.56
O4' URI C . -17.15 -7.91 -3.99
C5' URI C . -17.69 -5.61 -4.75
O5' URI C . -19.01 -6.05 -5.01
PG 3PO D . -14.08 -4.88 -8.49
O1G 3PO D . -14.72 -6.25 -8.61
O2G 3PO D . -12.68 -4.87 -9.07
O3G 3PO D . -14.15 -4.35 -7.08
PB 3PO D . -14.52 -2.44 -10.13
O1B 3PO D . -13.50 -2.74 -11.16
O2B 3PO D . -14.20 -1.46 -9.04
O3B 3PO D . -14.92 -3.83 -9.42
PA 3PO D . -16.25 -0.99 -12.13
O1A 3PO D . -17.16 0.11 -11.59
O2A 3PO D . -16.98 -1.88 -13.11
O3A 3PO D . -15.88 -1.96 -10.86
O5' 3PO D . -14.96 -0.45 -12.69
N1 URI E . 19.57 -3.84 1.13
C2 URI E . 19.59 -5.04 0.42
N3 URI E . 20.37 -6.02 1.00
C4 URI E . 21.09 -5.94 2.17
C5 URI E . 21.00 -4.67 2.85
C6 URI E . 20.25 -3.69 2.31
O2 URI E . 18.98 -5.22 -0.62
O4 URI E . 21.73 -6.92 2.55
C1' URI E . 18.72 -2.77 0.60
C2' URI E . 17.47 -2.60 1.47
C3' URI E . 17.15 -1.11 1.33
C4' URI E . 18.50 -0.46 0.96
O2' URI E . 16.46 -3.46 0.99
O3' URI E . 16.17 -0.83 0.32
O4' URI E . 19.41 -1.55 0.67
C5' URI E . 19.10 0.41 2.04
O5' URI E . 19.83 -0.36 2.99
PG 3PO F . 16.25 -1.64 11.58
O1G 3PO F . 16.41 -0.14 11.66
O2G 3PO F . 14.93 -2.11 12.14
O3G 3PO F . 17.43 -2.37 12.21
PB 3PO F . 15.11 -2.66 9.01
O1B 3PO F . 14.48 -1.52 8.30
O2B 3PO F . 14.26 -3.58 9.80
O3B 3PO F . 16.24 -2.07 9.99
PA 3PO F . 16.59 -3.41 6.49
O1A 3PO F . 15.98 -2.18 5.87
O2A 3PO F . 18.05 -3.23 6.84
O3A 3PO F . 15.87 -3.60 7.95
O5' 3PO F . 16.34 -4.64 5.62
S SO4 G . 7.10 -13.81 -4.56
O1 SO4 G . 6.59 -14.70 -5.59
O2 SO4 G . 6.18 -12.73 -4.37
O3 SO4 G . 7.25 -14.54 -3.34
O4 SO4 G . 8.36 -13.28 -4.99
S SO4 H . -8.96 1.25 -27.80
O1 SO4 H . -10.31 0.77 -27.68
O2 SO4 H . -8.63 1.36 -29.20
O3 SO4 H . -8.06 0.33 -27.17
O4 SO4 H . -8.85 2.55 -27.17
C1 EDO I . -4.89 -10.05 -12.27
O1 EDO I . -4.57 -11.38 -12.64
C2 EDO I . -4.21 -9.54 -11.04
O2 EDO I . -4.38 -8.14 -10.85
#